data_1ZXC
#
_entry.id   1ZXC
#
_cell.length_a   48.120
_cell.length_b   59.170
_cell.length_c   195.810
_cell.angle_alpha   90.00
_cell.angle_beta   90.00
_cell.angle_gamma   90.00
#
_symmetry.space_group_name_H-M   'P 21 21 21'
#
loop_
_entity.id
_entity.type
_entity.pdbx_description
1 polymer 'ADAM 17'
2 non-polymer 'ZINC ION'
3 non-polymer (3S)-4-{[4-(BUT-2-YNYLOXY)PHENYL]SULFONYL}-N-HYDROXY-2,2-DIMETHYLTHIOMORPHOLINE-3-CARBOXAMIDE
4 water water
#
_entity_poly.entity_id   1
_entity_poly.type   'polypeptide(L)'
_entity_poly.pdbx_seq_one_letter_code
;RADPDPMKNTCKLLVVADHRFYRYMGRGEESTTTNYLIELIDRVDDIYRNTAWDNAGFKGYGIQIEQIRILKSPQEVKPG
EKHYNMAKSYPNEEKDAWDVKMLLEQFSFDIAEEASKVCLAHLFTYQDFDMGTLGLAYVGSPRANSHGGVCPKAYYSPVG
KKNIYLNSGLTSTKNYGKTILTKEADLVTTHELGHNFGAEHDPDGLAECAPNEDQGGKYVMYPIAVSGDHENNKMFSQCS
KQSIYKTIESKAQECFQERSNKV
;
_entity_poly.pdbx_strand_id   A,B
#
loop_
_chem_comp.id
_chem_comp.type
_chem_comp.name
_chem_comp.formula
IH6 non-polymer (3S)-4-{[4-(BUT-2-YNYLOXY)PHENYL]SULFONYL}-N-HYDROXY-2,2-DIMETHYLTHIOMORPHOLINE-3-CARBOXAMIDE 'C17 H22 N2 O5 S2'
ZN non-polymer 'ZINC ION' 'Zn 2'
#
# COMPACT_ATOMS: atom_id res chain seq x y z
N ASP A 3 8.51 19.23 -46.47
CA ASP A 3 9.15 20.03 -45.36
C ASP A 3 8.22 20.10 -44.15
N PRO A 4 8.77 19.98 -42.93
CA PRO A 4 7.90 19.84 -41.77
C PRO A 4 6.98 21.03 -41.58
N ASP A 5 5.80 20.79 -41.02
CA ASP A 5 4.84 21.84 -40.74
C ASP A 5 5.06 22.29 -39.30
N PRO A 6 5.55 23.53 -39.10
CA PRO A 6 5.78 24.11 -37.76
C PRO A 6 4.55 24.06 -36.88
N MET A 7 3.38 24.04 -37.51
CA MET A 7 2.09 23.95 -36.87
C MET A 7 1.67 22.52 -36.61
N LYS A 8 2.38 21.57 -37.23
CA LYS A 8 2.02 20.16 -37.11
C LYS A 8 3.26 19.31 -36.86
N ASN A 9 3.95 19.59 -35.76
CA ASN A 9 5.26 19.01 -35.55
C ASN A 9 5.46 18.31 -34.23
N THR A 10 4.39 18.26 -33.44
CA THR A 10 4.48 17.79 -32.09
C THR A 10 3.32 16.87 -31.73
N CYS A 11 3.67 15.73 -31.15
CA CYS A 11 2.72 14.80 -30.59
C CYS A 11 2.52 15.13 -29.12
N LYS A 12 1.33 15.63 -28.78
CA LYS A 12 1.02 16.09 -27.41
C LYS A 12 0.59 14.90 -26.60
N LEU A 13 1.16 14.76 -25.41
CA LEU A 13 0.86 13.60 -24.58
C LEU A 13 -0.16 13.83 -23.44
N LEU A 14 -0.91 12.76 -23.19
CA LEU A 14 -1.45 12.51 -21.88
C LEU A 14 -0.51 11.56 -21.16
N VAL A 15 0.01 12.01 -20.04
CA VAL A 15 0.91 11.20 -19.27
C VAL A 15 0.23 10.87 -17.94
N VAL A 16 0.12 9.58 -17.64
CA VAL A 16 -0.47 9.16 -16.37
C VAL A 16 0.55 8.50 -15.46
N ALA A 17 0.61 8.98 -14.21
CA ALA A 17 1.38 8.30 -13.18
C ALA A 17 0.37 7.71 -12.23
N ASP A 18 0.36 6.39 -12.15
CA ASP A 18 -0.60 5.72 -11.33
C ASP A 18 -0.05 5.77 -9.91
N HIS A 19 -0.83 5.29 -8.95
CA HIS A 19 -0.49 5.35 -7.52
C HIS A 19 0.86 4.67 -7.16
N ARG A 20 1.26 3.68 -7.96
CA ARG A 20 2.55 2.99 -7.75
C ARG A 20 3.80 3.86 -8.05
N PHE A 21 3.79 4.53 -9.20
CA PHE A 21 4.88 5.40 -9.61
C PHE A 21 4.96 6.57 -8.60
N TYR A 22 3.81 7.19 -8.37
CA TYR A 22 3.64 8.25 -7.39
C TYR A 22 4.31 7.94 -6.05
N ARG A 23 4.04 6.74 -5.53
CA ARG A 23 4.58 6.31 -4.25
C ARG A 23 6.07 6.05 -4.27
N TYR A 24 6.53 5.34 -5.31
CA TYR A 24 7.86 4.77 -5.28
C TYR A 24 8.91 5.51 -6.10
N MET A 25 8.46 6.31 -7.05
CA MET A 25 9.33 7.15 -7.88
C MET A 25 9.19 8.60 -7.47
N GLY A 26 7.97 8.99 -7.11
CA GLY A 26 7.69 10.37 -6.75
C GLY A 26 7.74 10.66 -5.26
N ARG A 27 8.08 9.62 -4.48
CA ARG A 27 8.14 9.71 -3.03
C ARG A 27 6.88 10.20 -2.32
N GLY A 28 5.73 9.96 -2.94
CA GLY A 28 4.45 10.38 -2.38
C GLY A 28 4.21 11.85 -2.54
N GLU A 29 4.99 12.50 -3.42
CA GLU A 29 4.89 13.93 -3.64
C GLU A 29 4.44 14.17 -5.06
N GLU A 30 3.42 15.00 -5.22
CA GLU A 30 2.86 15.26 -6.54
C GLU A 30 3.80 16.08 -7.40
N SER A 31 4.45 17.08 -6.79
CA SER A 31 5.38 17.96 -7.50
C SER A 31 6.59 17.16 -7.98
N THR A 32 7.22 16.42 -7.08
CA THR A 32 8.29 15.49 -7.43
C THR A 32 7.92 14.56 -8.61
N THR A 33 6.74 13.92 -8.55
CA THR A 33 6.26 12.99 -9.60
C THR A 33 6.11 13.70 -10.94
N THR A 34 5.45 14.86 -10.89
CA THR A 34 5.25 15.75 -12.01
C THR A 34 6.57 16.20 -12.65
N ASN A 35 7.46 16.77 -11.83
CA ASN A 35 8.80 17.12 -12.28
C ASN A 35 9.59 15.95 -12.89
N TYR A 36 9.60 14.80 -12.26
CA TYR A 36 10.30 13.65 -12.81
C TYR A 36 9.92 13.40 -14.28
N LEU A 37 8.62 13.29 -14.54
CA LEU A 37 8.07 12.98 -15.85
C LEU A 37 8.15 14.13 -16.86
N ILE A 38 8.01 15.37 -16.39
CA ILE A 38 8.32 16.52 -17.24
C ILE A 38 9.76 16.41 -17.72
N GLU A 39 10.67 16.13 -16.78
CA GLU A 39 12.08 15.96 -17.13
C GLU A 39 12.27 14.77 -18.08
N LEU A 40 11.73 13.61 -17.70
CA LEU A 40 11.85 12.40 -18.54
C LEU A 40 11.45 12.68 -19.97
N ILE A 41 10.21 13.15 -20.17
CA ILE A 41 9.65 13.39 -21.51
C ILE A 41 10.45 14.43 -22.25
N ASP A 42 10.92 15.43 -21.51
CA ASP A 42 11.81 16.42 -22.12
C ASP A 42 13.09 15.78 -22.71
N ARG A 43 13.70 14.82 -22.02
CA ARG A 43 14.94 14.18 -22.53
C ARG A 43 14.64 13.23 -23.69
N VAL A 44 13.45 12.62 -23.66
CA VAL A 44 12.99 11.75 -24.76
C VAL A 44 12.73 12.60 -26.00
N ASP A 45 12.11 13.76 -25.79
CA ASP A 45 11.91 14.79 -26.83
C ASP A 45 13.23 15.26 -27.49
N ASP A 46 14.30 15.41 -26.71
CA ASP A 46 15.58 15.77 -27.33
C ASP A 46 15.97 14.73 -28.43
N ILE A 47 15.74 13.45 -28.16
CA ILE A 47 16.07 12.35 -29.12
C ILE A 47 15.24 12.45 -30.40
N TYR A 48 13.93 12.52 -30.24
CA TYR A 48 13.00 12.64 -31.34
C TYR A 48 13.26 13.89 -32.18
N ARG A 49 13.23 15.04 -31.51
CA ARG A 49 13.33 16.34 -32.16
C ARG A 49 14.59 16.41 -32.99
N ASN A 50 15.67 15.84 -32.47
CA ASN A 50 16.97 15.88 -33.14
C ASN A 50 17.19 14.73 -34.17
N THR A 51 16.17 13.88 -34.36
CA THR A 51 16.24 12.76 -35.31
C THR A 51 15.78 13.24 -36.68
N ALA A 52 16.62 13.03 -37.69
CA ALA A 52 16.24 13.32 -39.07
C ALA A 52 15.72 12.02 -39.70
N TRP A 53 14.40 11.95 -39.88
CA TRP A 53 13.74 10.70 -40.32
C TRP A 53 14.01 10.35 -41.79
N ASP A 54 14.27 11.36 -42.60
CA ASP A 54 14.72 11.14 -43.97
C ASP A 54 16.24 11.38 -44.13
N ASN A 55 16.97 11.42 -43.02
CA ASN A 55 18.43 11.66 -43.03
C ASN A 55 18.86 13.04 -43.59
N ALA A 56 17.90 13.97 -43.70
CA ALA A 56 18.15 15.31 -44.20
C ALA A 56 17.41 16.36 -43.35
N GLY A 57 16.39 16.99 -43.94
CA GLY A 57 15.63 18.06 -43.28
C GLY A 57 14.30 17.68 -42.65
N PHE A 58 13.91 16.41 -42.69
CA PHE A 58 12.66 15.99 -42.03
C PHE A 58 12.94 15.76 -40.58
N LYS A 59 13.10 16.85 -39.86
CA LYS A 59 13.45 16.81 -38.45
C LYS A 59 12.62 17.85 -37.68
N GLY A 60 12.81 17.89 -36.36
CA GLY A 60 12.08 18.83 -35.51
C GLY A 60 10.84 18.24 -34.86
N TYR A 61 10.47 17.00 -35.25
CA TYR A 61 9.28 16.34 -34.71
C TYR A 61 9.54 15.79 -33.32
N GLY A 62 8.64 16.11 -32.40
CA GLY A 62 8.82 15.68 -31.03
C GLY A 62 7.56 15.41 -30.26
N ILE A 63 7.73 15.35 -28.94
CA ILE A 63 6.64 15.05 -28.02
C ILE A 63 6.59 16.10 -26.90
N GLN A 64 5.38 16.54 -26.56
CA GLN A 64 5.17 17.42 -25.40
C GLN A 64 3.96 16.98 -24.61
N ILE A 65 4.04 17.09 -23.29
CA ILE A 65 2.91 16.83 -22.41
C ILE A 65 1.81 17.92 -22.56
N GLU A 66 0.60 17.50 -22.91
CA GLU A 66 -0.60 18.34 -22.88
C GLU A 66 -1.26 18.33 -21.48
N GLN A 67 -1.32 17.15 -20.87
CA GLN A 67 -1.93 16.96 -19.56
C GLN A 67 -1.18 15.88 -18.82
N ILE A 68 -0.83 16.19 -17.58
CA ILE A 68 -0.27 15.23 -16.64
C ILE A 68 -1.37 14.97 -15.64
N ARG A 69 -1.49 13.74 -15.20
CA ARG A 69 -2.48 13.34 -14.23
C ARG A 69 -1.77 12.45 -13.26
N ILE A 70 -1.83 12.78 -11.98
CA ILE A 70 -1.14 11.99 -10.99
C ILE A 70 -2.20 11.37 -10.11
N LEU A 71 -2.19 10.05 -10.07
CA LEU A 71 -3.11 9.32 -9.25
C LEU A 71 -2.42 9.05 -7.92
N LYS A 72 -2.71 9.91 -6.95
CA LYS A 72 -2.14 9.79 -5.62
C LYS A 72 -2.70 8.56 -4.93
N SER A 73 -3.90 8.16 -5.33
CA SER A 73 -4.59 7.01 -4.72
C SER A 73 -5.00 5.92 -5.72
N PRO A 74 -4.90 4.65 -5.30
CA PRO A 74 -5.48 3.55 -6.06
C PRO A 74 -6.99 3.71 -6.29
N GLN A 75 -7.48 3.15 -7.39
CA GLN A 75 -8.92 3.10 -7.66
C GLN A 75 -9.48 1.89 -6.93
N GLU A 76 -10.36 2.13 -5.97
CA GLU A 76 -10.94 1.03 -5.18
C GLU A 76 -11.83 0.13 -6.05
N VAL A 77 -11.73 -1.17 -5.84
CA VAL A 77 -12.45 -2.15 -6.65
C VAL A 77 -13.14 -3.22 -5.78
N LYS A 78 -14.42 -3.45 -6.04
CA LYS A 78 -15.20 -4.49 -5.36
C LYS A 78 -15.01 -5.81 -6.10
N PRO A 79 -15.70 -6.89 -5.67
CA PRO A 79 -15.47 -8.15 -6.41
C PRO A 79 -15.97 -8.10 -7.86
N GLY A 80 -15.27 -8.82 -8.74
CA GLY A 80 -15.67 -8.99 -10.13
C GLY A 80 -15.55 -7.76 -11.02
N GLU A 81 -14.54 -6.93 -10.72
CA GLU A 81 -14.34 -5.67 -11.46
C GLU A 81 -12.88 -5.19 -11.38
N LYS A 82 -12.38 -4.63 -12.47
CA LYS A 82 -10.96 -4.25 -12.58
C LYS A 82 -10.74 -2.80 -13.04
N HIS A 83 -9.56 -2.29 -12.74
CA HIS A 83 -9.13 -0.94 -13.17
C HIS A 83 -7.59 -0.87 -13.23
N TYR A 84 -7.04 -0.11 -14.16
CA TYR A 84 -5.56 -0.09 -14.33
C TYR A 84 -4.84 0.46 -13.09
N ASN A 85 -5.42 1.49 -12.50
CA ASN A 85 -4.84 2.08 -11.31
C ASN A 85 -5.45 1.53 -10.04
N MET A 86 -6.12 0.38 -10.14
CA MET A 86 -6.59 -0.29 -8.94
C MET A 86 -5.37 -0.75 -8.12
N ALA A 87 -5.60 -1.00 -6.84
CA ALA A 87 -4.56 -1.39 -5.90
C ALA A 87 -3.94 -2.74 -6.24
N LYS A 88 -4.80 -3.70 -6.57
CA LYS A 88 -4.38 -5.07 -6.82
C LYS A 88 -3.94 -5.28 -8.28
N SER A 89 -3.10 -6.29 -8.49
CA SER A 89 -2.66 -6.66 -9.81
C SER A 89 -3.62 -7.68 -10.45
N TYR A 90 -3.62 -7.72 -11.78
CA TYR A 90 -4.56 -8.56 -12.50
C TYR A 90 -3.83 -9.24 -13.66
N PRO A 91 -4.05 -10.56 -13.86
CA PRO A 91 -5.03 -11.43 -13.21
C PRO A 91 -4.59 -12.13 -11.92
N ASN A 92 -3.28 -12.25 -11.71
CA ASN A 92 -2.76 -12.86 -10.48
C ASN A 92 -2.57 -11.83 -9.36
N GLU A 93 -3.23 -12.09 -8.23
CA GLU A 93 -3.18 -11.25 -7.04
C GLU A 93 -1.80 -11.32 -6.39
N GLU A 94 -1.21 -12.52 -6.42
CA GLU A 94 0.03 -12.82 -5.72
C GLU A 94 1.27 -12.51 -6.55
N LYS A 95 1.13 -11.56 -7.48
CA LYS A 95 2.26 -11.06 -8.27
C LYS A 95 2.49 -9.60 -7.97
N ASP A 96 3.76 -9.18 -8.11
CA ASP A 96 4.11 -7.78 -8.00
C ASP A 96 3.37 -7.01 -9.09
N ALA A 97 3.36 -7.59 -10.29
CA ALA A 97 2.83 -6.92 -11.48
C ALA A 97 1.72 -7.66 -12.21
N TRP A 98 0.89 -6.88 -12.88
CA TRP A 98 -0.04 -7.33 -13.90
C TRP A 98 0.65 -8.15 -14.99
N ASP A 99 -0.17 -8.80 -15.82
CA ASP A 99 0.27 -9.27 -17.12
C ASP A 99 0.35 -8.02 -17.95
N VAL A 100 1.50 -7.79 -18.59
CA VAL A 100 1.77 -6.49 -19.23
C VAL A 100 0.73 -6.14 -20.30
N LYS A 101 0.37 -7.11 -21.12
CA LYS A 101 -0.58 -6.90 -22.21
C LYS A 101 -1.99 -6.56 -21.67
N MET A 102 -2.40 -7.23 -20.60
CA MET A 102 -3.67 -6.91 -19.94
C MET A 102 -3.70 -5.50 -19.32
N LEU A 103 -2.61 -5.08 -18.69
CA LEU A 103 -2.48 -3.68 -18.19
C LEU A 103 -2.62 -2.63 -19.29
N LEU A 104 -1.97 -2.86 -20.43
CA LEU A 104 -2.05 -1.91 -21.54
C LEU A 104 -3.49 -1.81 -22.02
N GLU A 105 -4.11 -2.98 -22.12
CA GLU A 105 -5.50 -3.14 -22.51
C GLU A 105 -6.44 -2.42 -21.54
N GLN A 106 -6.29 -2.73 -20.25
CA GLN A 106 -7.07 -2.07 -19.18
C GLN A 106 -6.93 -0.56 -19.22
N PHE A 107 -5.68 -0.09 -19.18
CA PHE A 107 -5.38 1.33 -19.21
C PHE A 107 -6.06 2.00 -20.39
N SER A 108 -5.99 1.39 -21.58
CA SER A 108 -6.62 1.96 -22.79
C SER A 108 -8.15 2.10 -22.67
N PHE A 109 -8.80 1.07 -22.12
CA PHE A 109 -10.24 1.13 -21.85
C PHE A 109 -10.58 2.24 -20.82
N ASP A 110 -9.85 2.29 -19.71
CA ASP A 110 -10.14 3.27 -18.64
C ASP A 110 -9.89 4.72 -19.04
N ILE A 111 -8.87 4.92 -19.86
CA ILE A 111 -8.45 6.25 -20.29
C ILE A 111 -9.15 6.72 -21.56
N ALA A 112 -10.11 5.92 -22.03
CA ALA A 112 -10.73 6.17 -23.35
C ALA A 112 -11.24 7.59 -23.61
N GLU A 113 -11.93 8.20 -22.64
CA GLU A 113 -12.47 9.55 -22.85
C GLU A 113 -11.38 10.59 -22.99
N GLU A 114 -10.37 10.52 -22.12
CA GLU A 114 -9.21 11.38 -22.23
C GLU A 114 -8.44 11.09 -23.53
N ALA A 115 -8.24 9.79 -23.80
CA ALA A 115 -7.36 9.32 -24.90
C ALA A 115 -7.70 9.89 -26.27
N SER A 116 -8.99 10.14 -26.51
CA SER A 116 -9.50 10.64 -27.78
C SER A 116 -9.08 12.08 -28.05
N LYS A 117 -8.61 12.76 -27.01
CA LYS A 117 -8.30 14.20 -27.13
C LYS A 117 -6.82 14.47 -27.43
N VAL A 118 -6.01 13.40 -27.43
CA VAL A 118 -4.56 13.52 -27.55
C VAL A 118 -3.93 12.54 -28.56
N CYS A 119 -2.86 13.02 -29.21
CA CYS A 119 -1.99 12.24 -30.04
C CYS A 119 -1.70 10.87 -29.42
N LEU A 120 -1.15 10.86 -28.20
CA LEU A 120 -0.81 9.64 -27.48
C LEU A 120 -1.13 9.76 -26.00
N ALA A 121 -1.45 8.60 -25.41
CA ALA A 121 -1.54 8.43 -23.96
C ALA A 121 -0.45 7.48 -23.48
N HIS A 122 0.22 7.85 -22.39
CA HIS A 122 1.29 7.00 -21.87
C HIS A 122 1.14 6.76 -20.39
N LEU A 123 1.27 5.51 -19.99
CA LEU A 123 1.19 5.11 -18.61
C LEU A 123 2.56 4.89 -17.99
N PHE A 124 2.79 5.53 -16.85
CA PHE A 124 3.98 5.29 -16.04
C PHE A 124 3.61 4.57 -14.77
N THR A 125 4.32 3.48 -14.52
CA THR A 125 4.01 2.61 -13.40
C THR A 125 5.31 2.12 -12.81
N TYR A 126 5.20 1.39 -11.71
CA TYR A 126 6.36 0.85 -11.01
C TYR A 126 5.97 -0.58 -10.61
N GLN A 127 6.06 -1.50 -11.58
CA GLN A 127 5.56 -2.89 -11.46
C GLN A 127 6.57 -3.79 -12.08
N ASP A 128 6.97 -4.82 -11.34
CA ASP A 128 7.93 -5.79 -11.85
C ASP A 128 7.28 -6.88 -12.70
N PHE A 129 7.19 -6.63 -14.01
CA PHE A 129 6.69 -7.61 -14.96
C PHE A 129 7.65 -8.79 -15.11
N ASP A 130 7.09 -9.97 -15.35
CA ASP A 130 7.87 -11.18 -15.60
C ASP A 130 8.77 -10.97 -16.81
N MET A 131 9.85 -11.74 -16.86
CA MET A 131 10.69 -11.90 -18.07
C MET A 131 11.49 -10.64 -18.40
N GLY A 132 11.58 -9.72 -17.43
CA GLY A 132 12.38 -8.51 -17.56
C GLY A 132 11.69 -7.51 -18.45
N THR A 133 10.38 -7.64 -18.57
CA THR A 133 9.65 -6.78 -19.46
C THR A 133 9.53 -5.39 -18.83
N LEU A 134 9.68 -4.37 -19.65
CA LEU A 134 9.85 -3.02 -19.13
C LEU A 134 8.77 -2.11 -19.62
N GLY A 135 8.21 -2.42 -20.78
CA GLY A 135 7.26 -1.53 -21.41
C GLY A 135 6.53 -2.17 -22.56
N LEU A 136 5.42 -1.54 -22.95
CA LEU A 136 4.59 -2.08 -24.02
C LEU A 136 3.84 -0.96 -24.67
N ALA A 137 3.58 -1.09 -25.97
CA ALA A 137 2.81 -0.10 -26.70
C ALA A 137 2.34 -0.65 -28.03
N TYR A 138 1.22 -0.10 -28.53
CA TYR A 138 0.70 -0.38 -29.86
C TYR A 138 1.51 0.32 -30.94
N VAL A 139 1.66 -0.37 -32.07
CA VAL A 139 2.50 0.05 -33.16
C VAL A 139 1.64 0.89 -34.08
N GLY A 140 2.13 2.09 -34.38
CA GLY A 140 1.44 2.99 -35.30
C GLY A 140 1.65 2.57 -36.73
N SER A 141 1.05 3.32 -37.66
CA SER A 141 1.09 2.99 -39.05
C SER A 141 0.64 4.22 -39.83
N PRO A 142 1.02 4.35 -41.11
CA PRO A 142 0.51 5.48 -41.91
C PRO A 142 -0.95 5.33 -42.38
N ARG A 143 -1.48 4.12 -42.39
CA ARG A 143 -2.88 3.89 -42.75
C ARG A 143 -3.87 4.69 -41.90
N ALA A 144 -4.85 5.27 -42.56
CA ALA A 144 -5.93 5.99 -41.87
C ALA A 144 -6.72 5.10 -40.89
N ASN A 145 -7.08 3.88 -41.31
CA ASN A 145 -7.85 3.02 -40.40
C ASN A 145 -7.07 2.36 -39.27
N SER A 146 -5.74 2.36 -39.37
CA SER A 146 -4.93 1.74 -38.34
C SER A 146 -5.46 2.12 -36.99
N HIS A 147 -5.75 1.09 -36.19
CA HIS A 147 -5.91 1.28 -34.77
C HIS A 147 -4.58 0.89 -34.11
N GLY A 148 -3.94 1.88 -33.54
CA GLY A 148 -2.69 1.67 -32.82
C GLY A 148 -1.76 2.83 -33.08
N GLY A 149 -1.02 3.21 -32.04
CA GLY A 149 0.00 4.26 -32.16
C GLY A 149 -0.55 5.66 -32.32
N VAL A 150 0.27 6.58 -32.85
CA VAL A 150 -0.10 8.02 -32.97
C VAL A 150 -1.47 8.28 -33.60
N CYS A 151 -2.21 9.21 -33.00
CA CYS A 151 -3.45 9.78 -33.57
C CYS A 151 -4.69 8.94 -33.26
N PRO A 152 -5.59 9.49 -32.42
CA PRO A 152 -6.72 8.70 -31.89
C PRO A 152 -7.70 8.30 -33.02
N LYS A 153 -8.13 7.05 -33.00
CA LYS A 153 -9.07 6.54 -34.00
C LYS A 153 -9.99 5.54 -33.29
N ALA A 154 -11.25 5.93 -33.11
CA ALA A 154 -12.21 5.12 -32.34
C ALA A 154 -12.41 3.72 -32.91
N TYR A 155 -12.48 2.74 -32.04
CA TYR A 155 -13.09 1.47 -32.39
C TYR A 155 -14.06 1.12 -31.29
N TYR A 156 -15.24 0.67 -31.70
CA TYR A 156 -16.26 0.28 -30.75
C TYR A 156 -15.94 -1.10 -30.15
N SER A 157 -15.97 -1.18 -28.83
CA SER A 157 -15.89 -2.42 -28.07
C SER A 157 -17.30 -2.84 -27.61
N PRO A 158 -17.91 -3.87 -28.27
CA PRO A 158 -19.22 -4.32 -27.78
C PRO A 158 -19.21 -4.72 -26.32
N VAL A 159 -18.17 -5.43 -25.89
CA VAL A 159 -18.04 -5.82 -24.49
C VAL A 159 -17.84 -4.62 -23.57
N GLY A 160 -17.00 -3.67 -24.00
CA GLY A 160 -16.70 -2.48 -23.23
C GLY A 160 -17.85 -1.50 -23.20
N LYS A 161 -18.81 -1.69 -24.12
CA LYS A 161 -19.97 -0.80 -24.33
C LYS A 161 -19.57 0.67 -24.59
N LYS A 162 -18.50 0.87 -25.37
CA LYS A 162 -17.96 2.20 -25.68
C LYS A 162 -16.81 2.14 -26.69
N ASN A 163 -16.41 3.32 -27.17
CA ASN A 163 -15.32 3.47 -28.13
C ASN A 163 -13.98 3.47 -27.43
N ILE A 164 -13.00 2.87 -28.06
CA ILE A 164 -11.68 2.80 -27.46
C ILE A 164 -10.63 3.29 -28.45
N TYR A 165 -9.49 3.71 -27.92
CA TYR A 165 -8.45 4.30 -28.72
C TYR A 165 -7.19 3.58 -28.32
N LEU A 166 -6.40 3.16 -29.31
CA LEU A 166 -5.19 2.39 -29.02
C LEU A 166 -3.99 3.24 -29.33
N ASN A 167 -4.11 4.52 -29.00
CA ASN A 167 -3.01 5.47 -29.18
C ASN A 167 -2.26 5.51 -27.88
N SER A 168 -1.71 4.38 -27.48
CA SER A 168 -1.22 4.21 -26.10
C SER A 168 -0.06 3.23 -25.90
N GLY A 169 0.54 3.33 -24.71
CA GLY A 169 1.76 2.64 -24.32
C GLY A 169 2.04 2.84 -22.84
N LEU A 170 2.99 2.09 -22.31
CA LEU A 170 3.35 2.20 -20.91
C LEU A 170 4.84 1.93 -20.67
N THR A 171 5.33 2.39 -19.53
CA THR A 171 6.69 2.22 -19.07
C THR A 171 6.68 1.93 -17.57
N SER A 172 7.41 0.91 -17.16
CA SER A 172 7.69 0.67 -15.76
C SER A 172 9.16 1.00 -15.50
N THR A 173 9.41 1.69 -14.38
CA THR A 173 10.79 1.90 -13.89
C THR A 173 11.22 0.94 -12.78
N LYS A 174 10.54 -0.20 -12.69
CA LYS A 174 10.98 -1.28 -11.79
C LYS A 174 11.37 -2.52 -12.60
N ASN A 175 12.53 -3.10 -12.30
CA ASN A 175 12.95 -4.34 -12.94
C ASN A 175 13.91 -5.15 -12.08
N TYR A 176 13.70 -6.47 -12.08
CA TYR A 176 14.34 -7.41 -11.15
C TYR A 176 14.48 -6.88 -9.73
N GLY A 177 13.35 -6.38 -9.21
CA GLY A 177 13.25 -5.91 -7.83
C GLY A 177 13.84 -4.56 -7.49
N LYS A 178 14.21 -3.78 -8.51
CA LYS A 178 14.84 -2.45 -8.30
C LYS A 178 14.42 -1.40 -9.30
N THR A 179 14.62 -0.16 -8.92
CA THR A 179 14.47 0.97 -9.80
C THR A 179 15.55 0.87 -10.85
N ILE A 180 15.15 1.03 -12.11
CA ILE A 180 16.09 1.11 -13.22
C ILE A 180 16.78 2.47 -13.20
N LEU A 181 17.82 2.60 -14.03
CA LEU A 181 18.59 3.81 -14.07
C LEU A 181 17.76 4.86 -14.78
N THR A 182 17.98 6.14 -14.47
CA THR A 182 17.26 7.20 -15.19
C THR A 182 17.48 7.08 -16.71
N LYS A 183 18.71 6.73 -17.12
CA LYS A 183 19.01 6.67 -18.56
C LYS A 183 18.32 5.47 -19.21
N GLU A 184 18.09 4.42 -18.44
CA GLU A 184 17.34 3.25 -18.89
C GLU A 184 15.85 3.60 -19.07
N ALA A 185 15.27 4.26 -18.08
CA ALA A 185 13.88 4.73 -18.14
C ALA A 185 13.62 5.61 -19.38
N ASP A 186 14.56 6.52 -19.69
CA ASP A 186 14.41 7.39 -20.86
C ASP A 186 14.30 6.55 -22.11
N LEU A 187 15.09 5.47 -22.16
CA LEU A 187 15.16 4.62 -23.36
C LEU A 187 13.97 3.68 -23.51
N VAL A 188 13.42 3.24 -22.37
CA VAL A 188 12.18 2.46 -22.35
C VAL A 188 11.05 3.28 -23.00
N THR A 189 10.88 4.52 -22.54
CA THR A 189 9.85 5.45 -23.08
C THR A 189 10.11 5.87 -24.54
N THR A 190 11.35 6.15 -24.90
CA THR A 190 11.70 6.45 -26.30
C THR A 190 11.21 5.36 -27.26
N HIS A 191 11.43 4.12 -26.83
CA HIS A 191 11.21 2.87 -27.56
C HIS A 191 9.73 2.50 -27.68
N GLU A 192 9.00 2.63 -26.57
CA GLU A 192 7.54 2.46 -26.58
C GLU A 192 6.87 3.51 -27.43
N LEU A 193 7.27 4.77 -27.26
CA LEU A 193 6.77 5.85 -28.10
C LEU A 193 7.23 5.59 -29.54
N GLY A 194 8.37 4.91 -29.69
CA GLY A 194 8.87 4.51 -31.02
C GLY A 194 7.95 3.53 -31.71
N HIS A 195 7.46 2.56 -30.95
CA HIS A 195 6.38 1.68 -31.40
C HIS A 195 5.16 2.52 -31.80
N ASN A 196 4.66 3.34 -30.87
CA ASN A 196 3.52 4.24 -31.15
C ASN A 196 3.71 5.01 -32.44
N PHE A 197 4.95 5.45 -32.68
CA PHE A 197 5.34 6.24 -33.86
C PHE A 197 5.51 5.36 -35.16
N GLY A 198 5.47 4.04 -35.00
CA GLY A 198 5.40 3.14 -36.15
C GLY A 198 6.52 2.13 -36.33
N ALA A 199 7.49 2.11 -35.41
CA ALA A 199 8.62 1.21 -35.57
C ALA A 199 8.40 -0.16 -34.91
N GLU A 200 8.76 -1.21 -35.63
CA GLU A 200 8.81 -2.53 -35.06
C GLU A 200 10.25 -2.68 -34.58
N HIS A 201 10.55 -3.76 -33.86
CA HIS A 201 11.93 -4.00 -33.40
C HIS A 201 12.88 -4.15 -34.57
N ASP A 202 14.12 -3.74 -34.37
CA ASP A 202 15.18 -3.83 -35.36
C ASP A 202 15.47 -5.31 -35.66
N PRO A 203 15.80 -5.63 -36.94
CA PRO A 203 16.18 -7.00 -37.30
C PRO A 203 17.57 -7.23 -36.76
N ASP A 204 17.69 -8.12 -35.79
CA ASP A 204 18.91 -8.26 -35.02
C ASP A 204 20.12 -8.79 -35.81
N GLY A 205 19.89 -9.41 -36.95
CA GLY A 205 20.96 -9.99 -37.74
C GLY A 205 21.31 -9.12 -38.89
N LEU A 206 20.64 -7.96 -38.97
CA LEU A 206 20.95 -6.98 -39.99
C LEU A 206 21.93 -5.98 -39.39
N ALA A 207 23.16 -6.02 -39.92
CA ALA A 207 24.29 -5.21 -39.45
C ALA A 207 24.02 -3.69 -39.48
N GLU A 208 23.34 -3.19 -40.50
CA GLU A 208 23.06 -1.76 -40.59
C GLU A 208 22.15 -1.22 -39.46
N CYS A 209 21.28 -2.08 -38.95
CA CYS A 209 20.23 -1.71 -37.99
C CYS A 209 20.46 -2.37 -36.62
N ALA A 210 21.48 -3.24 -36.56
CA ALA A 210 21.90 -3.84 -35.30
C ALA A 210 23.43 -3.97 -35.25
N PRO A 211 24.14 -2.83 -35.22
CA PRO A 211 25.62 -2.82 -35.29
C PRO A 211 26.29 -3.45 -34.08
N ASN A 212 27.54 -3.91 -34.24
CA ASN A 212 28.35 -4.42 -33.13
C ASN A 212 28.81 -3.24 -32.27
N GLU A 213 29.13 -3.51 -30.99
CA GLU A 213 29.63 -2.46 -30.08
C GLU A 213 30.62 -1.49 -30.71
N ASP A 214 31.68 -2.02 -31.31
CA ASP A 214 32.75 -1.22 -31.92
C ASP A 214 32.25 -0.19 -32.93
N GLN A 215 31.03 -0.39 -33.45
CA GLN A 215 30.38 0.53 -34.42
C GLN A 215 29.31 1.39 -33.72
N GLY A 216 29.24 1.29 -32.40
CA GLY A 216 28.31 2.10 -31.62
C GLY A 216 27.16 1.33 -30.97
N GLY A 217 27.16 0.01 -31.16
CA GLY A 217 26.17 -0.84 -30.52
C GLY A 217 24.79 -0.82 -31.17
N LYS A 218 23.83 -1.38 -30.47
CA LYS A 218 22.48 -1.51 -30.99
C LYS A 218 21.67 -0.21 -30.83
N TYR A 219 20.65 -0.06 -31.66
CA TYR A 219 19.77 1.10 -31.65
C TYR A 219 18.60 0.85 -30.73
N VAL A 220 17.84 1.91 -30.42
CA VAL A 220 16.90 1.84 -29.30
C VAL A 220 15.73 0.86 -29.53
N MET A 221 15.43 0.54 -30.80
CA MET A 221 14.38 -0.45 -31.12
C MET A 221 14.89 -1.90 -31.18
N TYR A 222 16.11 -2.12 -30.70
CA TYR A 222 16.61 -3.44 -30.46
C TYR A 222 15.71 -4.23 -29.49
N PRO A 223 15.40 -5.52 -29.83
CA PRO A 223 14.42 -6.38 -29.15
C PRO A 223 14.76 -6.76 -27.71
N ILE A 224 15.99 -6.51 -27.30
CA ILE A 224 16.45 -6.80 -25.95
C ILE A 224 16.94 -5.47 -25.40
N ALA A 225 16.49 -5.12 -24.19
CA ALA A 225 16.83 -3.84 -23.56
C ALA A 225 18.32 -3.49 -23.75
N VAL A 226 18.59 -2.37 -24.40
CA VAL A 226 19.95 -1.82 -24.48
C VAL A 226 20.37 -1.21 -23.15
N SER A 227 21.68 -1.07 -22.93
CA SER A 227 22.21 -0.55 -21.68
C SER A 227 22.17 0.98 -21.59
N GLY A 228 22.24 1.63 -22.75
CA GLY A 228 22.40 3.06 -22.80
C GLY A 228 23.86 3.49 -22.69
N ASP A 229 24.79 2.52 -22.61
CA ASP A 229 26.25 2.83 -22.51
C ASP A 229 26.86 3.18 -23.85
N HIS A 230 26.23 2.74 -24.92
CA HIS A 230 26.79 2.90 -26.27
C HIS A 230 26.08 3.96 -27.10
N GLU A 231 26.85 4.53 -28.01
CA GLU A 231 26.47 5.65 -28.87
C GLU A 231 25.11 5.52 -29.52
N ASN A 232 24.84 4.34 -30.10
CA ASN A 232 23.63 4.13 -30.90
C ASN A 232 22.40 3.88 -30.05
N ASN A 233 22.61 3.56 -28.77
CA ASN A 233 21.50 3.15 -27.88
C ASN A 233 20.36 4.19 -27.77
N LYS A 234 20.70 5.46 -27.93
CA LYS A 234 19.74 6.56 -27.82
C LYS A 234 19.24 7.04 -29.17
N MET A 235 19.63 6.36 -30.23
CA MET A 235 19.25 6.75 -31.59
C MET A 235 18.33 5.74 -32.29
N PHE A 236 17.67 6.20 -33.35
CA PHE A 236 16.85 5.35 -34.19
C PHE A 236 17.63 4.81 -35.38
N SER A 237 17.49 3.50 -35.63
CA SER A 237 18.16 2.84 -36.76
C SER A 237 17.55 3.34 -38.06
N GLN A 238 18.16 3.02 -39.21
CA GLN A 238 17.56 3.36 -40.51
C GLN A 238 16.27 2.59 -40.72
N CYS A 239 16.23 1.37 -40.18
CA CYS A 239 15.03 0.54 -40.23
C CYS A 239 13.86 1.26 -39.52
N SER A 240 14.14 1.90 -38.38
CA SER A 240 13.13 2.54 -37.59
C SER A 240 12.68 3.82 -38.25
N LYS A 241 13.66 4.55 -38.81
CA LYS A 241 13.42 5.79 -39.52
C LYS A 241 12.45 5.62 -40.67
N GLN A 242 12.68 4.61 -41.49
CA GLN A 242 11.82 4.38 -42.66
C GLN A 242 10.35 4.12 -42.28
N SER A 243 10.12 3.37 -41.21
CA SER A 243 8.78 3.13 -40.71
C SER A 243 8.16 4.37 -40.06
N ILE A 244 8.94 5.08 -39.24
CA ILE A 244 8.40 6.24 -38.51
C ILE A 244 8.16 7.41 -39.46
N TYR A 245 9.06 7.56 -40.43
CA TYR A 245 8.94 8.60 -41.44
C TYR A 245 7.59 8.50 -42.17
N LYS A 246 7.31 7.35 -42.77
CA LYS A 246 6.02 7.09 -43.41
C LYS A 246 4.82 7.45 -42.52
N THR A 247 4.89 7.05 -41.26
CA THR A 247 3.79 7.27 -40.31
C THR A 247 3.62 8.74 -39.98
N ILE A 248 4.72 9.43 -39.64
CA ILE A 248 4.67 10.88 -39.45
C ILE A 248 4.17 11.58 -40.69
N GLU A 249 4.76 11.23 -41.83
CA GLU A 249 4.41 11.86 -43.10
C GLU A 249 2.88 11.85 -43.34
N SER A 250 2.22 10.81 -42.88
CA SER A 250 0.77 10.67 -43.03
C SER A 250 -0.01 11.19 -41.81
N LYS A 251 0.53 10.99 -40.61
CA LYS A 251 -0.29 11.24 -39.42
C LYS A 251 -0.13 12.64 -38.80
N ALA A 252 0.96 13.34 -39.10
CA ALA A 252 1.17 14.68 -38.55
C ALA A 252 0.01 15.65 -38.85
N GLN A 253 -0.39 15.72 -40.12
CA GLN A 253 -1.56 16.51 -40.54
C GLN A 253 -2.83 16.15 -39.76
N GLU A 254 -2.91 14.92 -39.25
CA GLU A 254 -4.10 14.44 -38.56
C GLU A 254 -4.19 14.84 -37.09
N CYS A 255 -3.07 14.75 -36.37
CA CYS A 255 -3.17 14.96 -34.94
C CYS A 255 -1.97 15.61 -34.26
N PHE A 256 -0.95 15.99 -35.04
CA PHE A 256 0.23 16.70 -34.48
C PHE A 256 -0.13 18.17 -34.31
N GLN A 257 0.47 18.85 -33.32
CA GLN A 257 0.21 20.27 -33.05
C GLN A 257 1.52 21.06 -33.08
N GLU A 258 1.39 22.36 -32.87
CA GLU A 258 2.54 23.28 -32.79
C GLU A 258 3.35 23.01 -31.52
N ARG A 259 4.66 23.09 -31.62
CA ARG A 259 5.50 23.06 -30.43
C ARG A 259 5.28 24.31 -29.55
N SER A 260 4.99 24.07 -28.28
CA SER A 260 4.83 25.13 -27.29
C SER A 260 6.16 25.48 -26.63
N ASN A 261 6.27 26.70 -26.10
CA ASN A 261 7.43 27.04 -25.28
C ASN A 261 7.47 26.11 -24.09
N PRO B 4 6.82 -19.55 10.01
CA PRO B 4 5.75 -19.87 10.96
C PRO B 4 6.08 -21.12 11.77
N ASP B 5 6.50 -20.92 13.01
CA ASP B 5 6.93 -21.98 13.91
C ASP B 5 5.81 -22.38 14.87
N PRO B 6 5.24 -23.59 14.68
CA PRO B 6 4.07 -24.08 15.43
C PRO B 6 4.29 -24.17 16.93
N MET B 7 5.53 -23.96 17.36
CA MET B 7 5.87 -24.01 18.77
C MET B 7 5.99 -22.60 19.37
N LYS B 8 5.99 -21.60 18.49
CA LYS B 8 6.10 -20.20 18.88
C LYS B 8 5.05 -19.38 18.13
N ASN B 9 3.79 -19.78 18.23
CA ASN B 9 2.71 -19.12 17.50
C ASN B 9 1.65 -18.46 18.38
N THR B 10 1.71 -18.73 19.69
CA THR B 10 0.69 -18.31 20.64
C THR B 10 1.21 -17.37 21.75
N CYS B 11 0.56 -16.22 21.88
CA CYS B 11 0.89 -15.24 22.91
C CYS B 11 0.01 -15.45 24.15
N LYS B 12 0.55 -16.18 25.13
CA LYS B 12 -0.19 -16.46 26.36
C LYS B 12 -0.42 -15.18 27.16
N LEU B 13 -1.66 -15.01 27.63
CA LEU B 13 -2.09 -13.74 28.22
C LEU B 13 -2.42 -13.82 29.71
N LEU B 14 -2.06 -12.77 30.44
CA LEU B 14 -2.66 -12.47 31.75
C LEU B 14 -3.88 -11.57 31.54
N VAL B 15 -5.04 -12.05 31.95
CA VAL B 15 -6.28 -11.29 31.87
C VAL B 15 -6.73 -10.90 33.27
N VAL B 16 -6.86 -9.60 33.51
CA VAL B 16 -7.31 -9.10 34.81
C VAL B 16 -8.62 -8.30 34.69
N ALA B 17 -9.62 -8.68 35.48
CA ALA B 17 -10.85 -7.93 35.60
C ALA B 17 -10.89 -7.21 36.94
N ASP B 18 -10.95 -5.88 36.92
CA ASP B 18 -11.08 -5.11 38.17
C ASP B 18 -12.49 -5.19 38.73
N HIS B 19 -12.69 -4.58 39.89
CA HIS B 19 -13.97 -4.65 40.61
C HIS B 19 -15.11 -3.96 39.85
N ARG B 20 -14.78 -2.96 39.06
CA ARG B 20 -15.81 -2.32 38.23
C ARG B 20 -16.32 -3.33 37.19
N PHE B 21 -15.41 -3.95 36.46
CA PHE B 21 -15.81 -4.93 35.45
C PHE B 21 -16.57 -6.09 36.10
N TYR B 22 -16.03 -6.60 37.21
CA TYR B 22 -16.70 -7.63 38.00
C TYR B 22 -18.12 -7.21 38.32
N ARG B 23 -18.25 -6.01 38.85
CA ARG B 23 -19.51 -5.47 39.32
C ARG B 23 -20.53 -5.37 38.22
N TYR B 24 -20.18 -4.66 37.16
CA TYR B 24 -21.16 -4.24 36.18
C TYR B 24 -21.30 -5.21 35.02
N MET B 25 -20.17 -5.69 34.51
CA MET B 25 -20.19 -6.60 33.37
C MET B 25 -20.52 -8.02 33.80
N GLY B 26 -19.92 -8.46 34.90
CA GLY B 26 -20.14 -9.83 35.38
C GLY B 26 -21.26 -10.05 36.38
N ARG B 27 -22.10 -9.03 36.59
CA ARG B 27 -23.25 -9.16 37.49
C ARG B 27 -22.82 -9.55 38.91
N GLY B 28 -21.62 -9.15 39.33
CA GLY B 28 -21.09 -9.50 40.65
C GLY B 28 -20.87 -10.99 40.81
N GLU B 29 -20.75 -11.69 39.67
CA GLU B 29 -20.57 -13.13 39.65
C GLU B 29 -19.26 -13.46 38.95
N GLU B 30 -18.45 -14.28 39.60
CA GLU B 30 -17.16 -14.65 39.08
C GLU B 30 -17.28 -15.48 37.80
N SER B 31 -18.12 -16.51 37.84
CA SER B 31 -18.33 -17.39 36.70
C SER B 31 -18.72 -16.59 35.43
N THR B 32 -19.71 -15.72 35.59
CA THR B 32 -20.22 -14.88 34.51
C THR B 32 -19.13 -13.95 33.95
N THR B 33 -18.36 -13.33 34.85
CA THR B 33 -17.20 -12.53 34.47
C THR B 33 -16.14 -13.36 33.73
N THR B 34 -15.80 -14.53 34.26
CA THR B 34 -14.77 -15.38 33.67
C THR B 34 -15.19 -15.85 32.25
N ASN B 35 -16.38 -16.44 32.15
CA ASN B 35 -16.90 -16.93 30.88
C ASN B 35 -16.97 -15.83 29.81
N TYR B 36 -17.45 -14.64 30.21
CA TYR B 36 -17.53 -13.49 29.30
C TYR B 36 -16.17 -13.16 28.68
N LEU B 37 -15.14 -13.11 29.52
CA LEU B 37 -13.77 -12.85 29.08
C LEU B 37 -13.17 -14.03 28.31
N ILE B 38 -13.50 -15.25 28.72
CA ILE B 38 -13.05 -16.43 27.99
C ILE B 38 -13.61 -16.40 26.57
N GLU B 39 -14.89 -16.08 26.46
CA GLU B 39 -15.52 -16.02 25.16
C GLU B 39 -14.99 -14.89 24.32
N LEU B 40 -14.80 -13.70 24.92
CA LEU B 40 -14.27 -12.54 24.17
C LEU B 40 -12.88 -12.82 23.58
N ILE B 41 -11.95 -13.29 24.44
CA ILE B 41 -10.60 -13.59 23.94
C ILE B 41 -10.61 -14.62 22.81
N ASP B 42 -11.41 -15.67 22.96
CA ASP B 42 -11.50 -16.74 21.93
C ASP B 42 -11.98 -16.14 20.59
N ARG B 43 -12.99 -15.29 20.63
CA ARG B 43 -13.46 -14.59 19.41
C ARG B 43 -12.37 -13.71 18.79
N VAL B 44 -11.62 -13.00 19.63
CA VAL B 44 -10.47 -12.23 19.19
C VAL B 44 -9.36 -13.12 18.60
N ASP B 45 -9.11 -14.26 19.24
CA ASP B 45 -8.17 -15.27 18.74
C ASP B 45 -8.51 -15.70 17.32
N ASP B 46 -9.81 -15.80 17.03
CA ASP B 46 -10.30 -16.19 15.72
C ASP B 46 -9.82 -15.25 14.61
N ILE B 47 -9.96 -13.95 14.84
CA ILE B 47 -9.44 -12.95 13.93
C ILE B 47 -7.92 -13.12 13.74
N TYR B 48 -7.18 -13.32 14.83
CA TYR B 48 -5.72 -13.44 14.77
C TYR B 48 -5.27 -14.70 14.03
N ARG B 49 -5.71 -15.87 14.50
CA ARG B 49 -5.31 -17.15 13.91
C ARG B 49 -5.48 -17.22 12.40
N ASN B 50 -6.62 -16.70 11.93
CA ASN B 50 -6.99 -16.76 10.52
C ASN B 50 -6.37 -15.67 9.63
N THR B 51 -5.82 -14.63 10.26
CA THR B 51 -5.11 -13.59 9.54
C THR B 51 -3.78 -14.12 8.97
N ALA B 52 -3.60 -13.95 7.66
CA ALA B 52 -2.31 -14.29 7.01
C ALA B 52 -1.46 -13.03 7.00
N TRP B 53 -0.45 -12.98 7.87
CA TRP B 53 0.34 -11.76 8.03
C TRP B 53 1.19 -11.39 6.82
N ASP B 54 1.61 -12.40 6.04
CA ASP B 54 2.37 -12.14 4.80
C ASP B 54 1.51 -12.35 3.56
N ASN B 55 0.20 -12.44 3.77
CA ASN B 55 -0.77 -12.71 2.70
C ASN B 55 -0.51 -14.06 2.05
N ALA B 56 0.18 -14.94 2.79
CA ALA B 56 0.49 -16.27 2.32
C ALA B 56 0.31 -17.29 3.45
N GLY B 57 1.40 -17.93 3.86
CA GLY B 57 1.35 -19.02 4.85
C GLY B 57 1.75 -18.64 6.26
N PHE B 58 2.03 -17.35 6.48
CA PHE B 58 2.34 -16.88 7.83
C PHE B 58 1.08 -16.62 8.67
N LYS B 59 0.36 -17.71 8.97
CA LYS B 59 -0.88 -17.66 9.76
C LYS B 59 -0.84 -18.73 10.87
N GLY B 60 -1.85 -18.70 11.74
CA GLY B 60 -1.87 -19.57 12.92
C GLY B 60 -1.41 -18.84 14.17
N TYR B 61 -1.07 -17.55 14.00
CA TYR B 61 -0.66 -16.70 15.11
C TYR B 61 -1.85 -16.08 15.84
N GLY B 62 -1.89 -16.27 17.14
CA GLY B 62 -2.96 -15.78 17.96
C GLY B 62 -2.63 -15.71 19.44
N ILE B 63 -3.68 -15.74 20.26
CA ILE B 63 -3.62 -15.47 21.68
C ILE B 63 -4.42 -16.51 22.45
N GLN B 64 -3.92 -16.88 23.62
CA GLN B 64 -4.65 -17.74 24.55
C GLN B 64 -4.45 -17.24 25.95
N ILE B 65 -5.48 -17.34 26.77
CA ILE B 65 -5.39 -16.91 28.16
C ILE B 65 -4.51 -17.89 28.92
N GLU B 66 -3.43 -17.37 29.51
CA GLU B 66 -2.59 -18.17 30.41
C GLU B 66 -3.21 -18.18 31.81
N GLN B 67 -3.60 -17.00 32.30
CA GLN B 67 -4.22 -16.88 33.63
C GLN B 67 -5.23 -15.74 33.71
N ILE B 68 -6.38 -16.01 34.36
CA ILE B 68 -7.42 -15.01 34.58
C ILE B 68 -7.46 -14.63 36.05
N ARG B 69 -7.58 -13.33 36.31
CA ARG B 69 -7.62 -12.84 37.68
C ARG B 69 -8.80 -11.91 37.87
N ILE B 70 -9.79 -12.37 38.61
CA ILE B 70 -10.94 -11.54 38.89
C ILE B 70 -10.73 -10.85 40.24
N LEU B 71 -10.93 -9.54 40.27
CA LEU B 71 -10.84 -8.78 41.50
C LEU B 71 -12.25 -8.40 41.91
N LYS B 72 -12.77 -9.14 42.89
CA LYS B 72 -14.17 -9.07 43.28
C LYS B 72 -14.52 -7.78 44.03
N SER B 73 -13.51 -7.13 44.59
CA SER B 73 -13.70 -5.91 45.38
C SER B 73 -12.60 -4.87 45.12
N PRO B 74 -12.89 -3.59 45.39
CA PRO B 74 -11.85 -2.56 45.33
C PRO B 74 -10.65 -2.82 46.25
N GLN B 75 -9.47 -2.38 45.82
CA GLN B 75 -8.24 -2.53 46.60
C GLN B 75 -8.14 -1.49 47.71
N GLU B 76 -7.92 -1.99 48.94
CA GLU B 76 -7.70 -1.19 50.14
C GLU B 76 -6.35 -0.49 50.05
N VAL B 77 -6.37 0.84 49.99
CA VAL B 77 -5.15 1.63 49.88
C VAL B 77 -4.88 2.46 51.14
N LYS B 78 -3.64 2.36 51.64
CA LYS B 78 -3.16 3.23 52.71
C LYS B 78 -3.24 4.69 52.27
N PRO B 79 -3.39 5.60 53.24
CA PRO B 79 -3.44 7.02 52.90
C PRO B 79 -2.32 7.47 51.94
N GLY B 80 -2.72 8.02 50.79
CA GLY B 80 -1.76 8.60 49.84
C GLY B 80 -1.28 7.72 48.69
N GLU B 81 -1.58 6.42 48.77
CA GLU B 81 -1.18 5.47 47.72
C GLU B 81 -2.34 5.17 46.76
N LYS B 82 -2.04 5.11 45.46
CA LYS B 82 -3.02 4.74 44.44
C LYS B 82 -2.73 3.42 43.72
N HIS B 83 -3.71 2.52 43.71
CA HIS B 83 -3.65 1.21 43.02
C HIS B 83 -4.65 1.22 41.86
N TYR B 84 -4.40 0.44 40.81
CA TYR B 84 -5.30 0.46 39.62
C TYR B 84 -6.71 -0.02 39.95
N ASN B 85 -6.83 -0.92 40.92
CA ASN B 85 -8.11 -1.52 41.31
C ASN B 85 -8.72 -0.87 42.55
N MET B 86 -8.15 0.26 42.96
CA MET B 86 -8.73 1.05 44.03
C MET B 86 -10.09 1.57 43.56
N ALA B 87 -10.99 1.85 44.49
CA ALA B 87 -12.36 2.28 44.20
C ALA B 87 -12.49 3.67 43.57
N LYS B 88 -11.51 4.53 43.83
CA LYS B 88 -11.53 5.91 43.33
C LYS B 88 -10.87 6.04 41.97
N SER B 89 -11.35 7.01 41.18
CA SER B 89 -10.67 7.48 39.98
C SER B 89 -9.47 8.38 40.33
N TYR B 90 -8.45 8.36 39.47
CA TYR B 90 -7.26 9.17 39.68
C TYR B 90 -6.81 9.83 38.35
N PRO B 91 -6.36 11.10 38.40
CA PRO B 91 -6.13 12.00 39.54
C PRO B 91 -7.38 12.74 40.02
N ASN B 92 -8.49 12.48 39.35
CA ASN B 92 -9.73 13.15 39.69
C ASN B 92 -10.78 12.16 40.17
N GLU B 93 -10.97 12.11 41.49
CA GLU B 93 -11.93 11.18 42.14
C GLU B 93 -13.40 11.51 41.82
N GLU B 94 -13.63 12.73 41.35
CA GLU B 94 -14.98 13.21 40.99
C GLU B 94 -15.47 12.61 39.66
N LYS B 95 -14.54 12.11 38.85
CA LYS B 95 -14.89 11.51 37.55
C LYS B 95 -15.13 10.00 37.69
N ASP B 96 -15.92 9.43 36.78
CA ASP B 96 -16.14 7.99 36.72
C ASP B 96 -14.83 7.26 36.44
N ALA B 97 -14.01 7.86 35.60
CA ALA B 97 -12.86 7.18 35.10
C ALA B 97 -11.56 7.90 35.44
N TRP B 98 -10.51 7.10 35.52
CA TRP B 98 -9.16 7.59 35.59
C TRP B 98 -8.86 8.29 34.29
N ASP B 99 -7.76 9.04 34.28
CA ASP B 99 -7.12 9.39 33.05
C ASP B 99 -6.56 8.10 32.45
N VAL B 100 -6.96 7.80 31.21
CA VAL B 100 -6.61 6.51 30.59
C VAL B 100 -5.11 6.21 30.64
N LYS B 101 -4.29 7.20 30.29
CA LYS B 101 -2.82 7.03 30.24
C LYS B 101 -2.25 6.58 31.57
N MET B 102 -2.70 7.25 32.63
CA MET B 102 -2.25 6.98 33.98
C MET B 102 -2.61 5.57 34.47
N LEU B 103 -3.87 5.18 34.25
CA LEU B 103 -4.35 3.84 34.57
C LEU B 103 -3.50 2.78 33.91
N LEU B 104 -3.24 2.95 32.62
CA LEU B 104 -2.39 2.01 31.92
C LEU B 104 -1.01 1.93 32.57
N GLU B 105 -0.44 3.08 32.93
CA GLU B 105 0.82 3.15 33.68
C GLU B 105 0.70 2.51 35.07
N GLN B 106 -0.36 2.87 35.80
CA GLN B 106 -0.59 2.29 37.13
C GLN B 106 -0.71 0.78 37.10
N PHE B 107 -1.54 0.25 36.20
CA PHE B 107 -1.70 -1.21 36.03
C PHE B 107 -0.35 -1.89 35.80
N SER B 108 0.40 -1.40 34.82
CA SER B 108 1.76 -1.85 34.54
C SER B 108 2.68 -1.87 35.77
N PHE B 109 2.54 -0.88 36.64
CA PHE B 109 3.30 -0.87 37.90
C PHE B 109 2.78 -1.90 38.89
N ASP B 110 1.46 -1.95 39.03
CA ASP B 110 0.84 -2.83 40.01
C ASP B 110 0.92 -4.31 39.66
N ILE B 111 1.09 -4.61 38.37
CA ILE B 111 1.09 -6.00 37.90
C ILE B 111 2.49 -6.45 37.47
N ALA B 112 3.46 -5.56 37.67
CA ALA B 112 4.83 -5.76 37.18
C ALA B 112 5.40 -7.16 37.41
N GLU B 113 5.18 -7.71 38.60
CA GLU B 113 5.72 -9.04 38.92
C GLU B 113 5.09 -10.11 38.03
N GLU B 114 3.78 -10.04 37.83
CA GLU B 114 3.09 -11.02 37.00
C GLU B 114 3.26 -10.76 35.51
N ALA B 115 3.50 -9.50 35.14
CA ALA B 115 3.74 -9.12 33.73
C ALA B 115 4.98 -9.78 33.13
N SER B 116 6.00 -10.00 33.98
CA SER B 116 7.26 -10.63 33.56
C SER B 116 7.06 -12.07 33.08
N LYS B 117 5.96 -12.69 33.49
CA LYS B 117 5.76 -14.11 33.23
C LYS B 117 4.92 -14.39 31.98
N VAL B 118 4.40 -13.34 31.36
CA VAL B 118 3.47 -13.51 30.25
C VAL B 118 3.80 -12.67 29.02
N CYS B 119 3.36 -13.16 27.86
CA CYS B 119 3.53 -12.45 26.61
C CYS B 119 2.84 -11.11 26.66
N LEU B 120 1.62 -11.08 27.21
CA LEU B 120 0.86 -9.84 27.40
C LEU B 120 -0.05 -9.84 28.63
N ALA B 121 -0.19 -8.68 29.25
CA ALA B 121 -1.18 -8.51 30.32
C ALA B 121 -2.24 -7.52 29.84
N HIS B 122 -3.50 -7.86 30.03
CA HIS B 122 -4.57 -6.99 29.59
C HIS B 122 -5.60 -6.77 30.67
N LEU B 123 -5.85 -5.50 30.97
CA LEU B 123 -6.81 -5.13 31.99
C LEU B 123 -8.17 -4.85 31.38
N PHE B 124 -9.19 -5.54 31.87
CA PHE B 124 -10.57 -5.30 31.50
C PHE B 124 -11.29 -4.51 32.58
N THR B 125 -11.85 -3.36 32.20
CA THR B 125 -12.49 -2.47 33.16
C THR B 125 -13.83 -1.91 32.67
N TYR B 126 -14.52 -1.21 33.56
CA TYR B 126 -15.80 -0.62 33.25
C TYR B 126 -15.80 0.79 33.79
N GLN B 127 -15.26 1.71 32.99
CA GLN B 127 -15.13 3.12 33.35
C GLN B 127 -15.31 3.88 32.07
N ASP B 128 -15.82 5.10 32.19
CA ASP B 128 -16.13 5.92 31.04
C ASP B 128 -15.07 7.02 30.88
N PHE B 129 -14.02 6.70 30.12
CA PHE B 129 -12.96 7.66 29.80
C PHE B 129 -13.46 8.78 28.93
N ASP B 130 -12.90 9.97 29.13
CA ASP B 130 -13.24 11.15 28.35
C ASP B 130 -13.00 11.00 26.85
N MET B 131 -13.80 11.77 26.08
CA MET B 131 -13.72 11.85 24.62
C MET B 131 -13.89 10.50 23.91
N GLY B 132 -14.76 9.66 24.47
CA GLY B 132 -15.10 8.37 23.89
C GLY B 132 -13.93 7.40 23.79
N THR B 133 -12.91 7.61 24.61
CA THR B 133 -11.78 6.67 24.71
C THR B 133 -12.29 5.30 25.19
N LEU B 134 -11.90 4.25 24.47
CA LEU B 134 -12.36 2.88 24.75
C LEU B 134 -11.23 1.97 25.23
N GLY B 135 -9.99 2.34 24.88
CA GLY B 135 -8.82 1.53 25.24
C GLY B 135 -7.49 2.22 24.99
N LEU B 136 -6.42 1.64 25.53
CA LEU B 136 -5.04 2.14 25.38
C LEU B 136 -4.08 0.99 25.52
N ALA B 137 -3.01 1.01 24.74
CA ALA B 137 -1.97 -0.03 24.80
C ALA B 137 -0.65 0.52 24.30
N TYR B 138 0.44 -0.14 24.71
CA TYR B 138 1.77 0.23 24.29
C TYR B 138 2.03 -0.45 22.96
N VAL B 139 2.41 0.35 21.97
CA VAL B 139 2.66 -0.16 20.63
C VAL B 139 3.94 -1.00 20.64
N GLY B 140 3.86 -2.20 20.06
CA GLY B 140 5.01 -3.10 20.00
C GLY B 140 5.95 -2.77 18.85
N SER B 141 7.06 -3.50 18.78
CA SER B 141 8.11 -3.26 17.79
C SER B 141 8.91 -4.54 17.50
N PRO B 142 9.49 -4.65 16.29
CA PRO B 142 10.41 -5.74 15.98
C PRO B 142 11.78 -5.59 16.67
N ARG B 143 12.15 -4.35 17.01
CA ARG B 143 13.46 -4.07 17.58
C ARG B 143 13.57 -4.75 18.94
N ALA B 144 14.41 -5.79 18.99
CA ALA B 144 14.51 -6.66 20.16
C ALA B 144 15.04 -5.93 21.39
N ASN B 145 15.48 -4.69 21.18
CA ASN B 145 15.91 -3.81 22.26
C ASN B 145 14.78 -2.93 22.77
N SER B 146 13.69 -2.85 22.01
CA SER B 146 12.58 -1.93 22.30
C SER B 146 11.66 -2.42 23.41
N HIS B 147 11.00 -1.46 24.07
CA HIS B 147 10.15 -1.75 25.24
C HIS B 147 8.73 -1.20 25.06
N GLY B 148 7.81 -2.09 24.70
CA GLY B 148 6.42 -1.75 24.44
C GLY B 148 5.79 -2.88 23.65
N GLY B 149 4.61 -3.31 24.06
CA GLY B 149 3.91 -4.38 23.37
C GLY B 149 4.40 -5.77 23.68
N VAL B 150 4.23 -6.68 22.72
CA VAL B 150 4.52 -8.10 22.94
C VAL B 150 5.91 -8.37 23.54
N CYS B 151 5.96 -9.37 24.42
CA CYS B 151 7.18 -9.82 25.10
C CYS B 151 7.71 -8.86 26.17
N PRO B 152 7.83 -9.35 27.42
CA PRO B 152 8.21 -8.53 28.56
C PRO B 152 9.71 -8.24 28.61
N LYS B 153 10.05 -6.96 28.50
CA LYS B 153 11.42 -6.49 28.61
C LYS B 153 11.51 -5.39 29.66
N ALA B 154 12.14 -5.73 30.78
CA ALA B 154 12.20 -4.86 31.97
C ALA B 154 12.56 -3.40 31.66
N TYR B 155 11.58 -2.53 31.83
CA TYR B 155 11.77 -1.09 31.68
C TYR B 155 11.92 -0.53 33.07
N TYR B 156 12.81 0.45 33.24
CA TYR B 156 13.02 1.07 34.55
C TYR B 156 12.43 2.47 34.65
N SER B 157 11.79 2.71 35.79
CA SER B 157 11.10 3.96 36.08
C SER B 157 11.76 4.67 37.27
N PRO B 158 12.38 5.84 37.04
CA PRO B 158 12.91 6.67 38.12
C PRO B 158 11.82 7.15 39.07
N VAL B 159 10.68 7.56 38.53
CA VAL B 159 9.56 8.04 39.33
C VAL B 159 8.80 6.85 39.97
N GLY B 160 9.19 5.64 39.58
CA GLY B 160 8.64 4.41 40.15
C GLY B 160 9.58 3.73 41.13
N LYS B 161 10.78 3.41 40.66
CA LYS B 161 11.82 2.69 41.44
C LYS B 161 11.74 1.15 41.35
N LYS B 162 11.55 0.65 40.13
CA LYS B 162 11.38 -0.78 39.89
C LYS B 162 11.48 -1.10 38.40
N ASN B 163 11.79 -2.36 38.10
CA ASN B 163 11.65 -2.89 36.75
C ASN B 163 10.20 -3.18 36.40
N ILE B 164 9.57 -2.25 35.68
CA ILE B 164 8.23 -2.50 35.16
C ILE B 164 8.35 -3.20 33.80
N TYR B 165 7.22 -3.56 33.22
CA TYR B 165 7.18 -4.11 31.86
C TYR B 165 6.00 -3.44 31.16
N LEU B 166 6.16 -3.14 29.87
CA LEU B 166 5.13 -2.44 29.11
C LEU B 166 4.47 -3.38 28.07
N ASN B 167 4.40 -4.67 28.41
CA ASN B 167 3.65 -5.64 27.60
C ASN B 167 2.18 -5.62 28.01
N SER B 168 1.56 -4.46 27.93
CA SER B 168 0.27 -4.26 28.53
C SER B 168 -0.64 -3.33 27.74
N GLY B 169 -1.93 -3.45 28.01
CA GLY B 169 -2.99 -2.70 27.35
C GLY B 169 -4.23 -2.83 28.21
N LEU B 170 -5.25 -2.03 27.91
CA LEU B 170 -6.54 -2.14 28.59
C LEU B 170 -7.75 -1.89 27.67
N THR B 171 -8.86 -2.54 28.03
CA THR B 171 -10.15 -2.36 27.41
C THR B 171 -11.21 -1.93 28.43
N SER B 172 -12.00 -0.92 28.10
CA SER B 172 -13.23 -0.62 28.86
C SER B 172 -14.49 -0.98 28.08
N THR B 173 -15.51 -1.51 28.76
CA THR B 173 -16.80 -1.80 28.11
C THR B 173 -17.92 -0.81 28.43
N LYS B 174 -17.55 0.30 29.05
CA LYS B 174 -18.46 1.40 29.29
C LYS B 174 -18.02 2.54 28.39
N ASN B 175 -18.99 3.24 27.81
CA ASN B 175 -18.71 4.47 27.07
C ASN B 175 -19.97 5.32 26.94
N TYR B 176 -19.83 6.64 27.14
CA TYR B 176 -20.98 7.58 27.20
C TYR B 176 -22.18 7.02 27.99
N GLY B 177 -21.95 6.54 29.20
CA GLY B 177 -23.04 6.18 30.12
C GLY B 177 -23.64 4.79 29.98
N LYS B 178 -23.12 4.00 29.04
CA LYS B 178 -23.63 2.65 28.85
C LYS B 178 -22.60 1.62 28.44
N THR B 179 -22.98 0.38 28.67
CA THR B 179 -22.30 -0.80 28.18
C THR B 179 -22.26 -0.74 26.64
N ILE B 180 -21.06 -0.90 26.08
CA ILE B 180 -20.94 -1.02 24.62
C ILE B 180 -21.42 -2.41 24.16
N LEU B 181 -21.70 -2.56 22.87
CA LEU B 181 -22.04 -3.89 22.33
C LEU B 181 -20.88 -4.89 22.49
N THR B 182 -21.20 -6.15 22.75
CA THR B 182 -20.20 -7.27 22.68
C THR B 182 -19.32 -7.24 21.42
N LYS B 183 -19.93 -7.01 20.26
CA LYS B 183 -19.18 -6.96 19.00
C LYS B 183 -18.21 -5.76 18.97
N GLU B 184 -18.59 -4.67 19.65
CA GLU B 184 -17.71 -3.51 19.84
C GLU B 184 -16.61 -3.78 20.83
N ALA B 185 -16.93 -4.42 21.95
CA ALA B 185 -15.91 -4.90 22.90
C ALA B 185 -14.86 -5.82 22.25
N ASP B 186 -15.33 -6.70 21.35
CA ASP B 186 -14.42 -7.59 20.59
C ASP B 186 -13.40 -6.77 19.83
N LEU B 187 -13.91 -5.74 19.16
CA LEU B 187 -13.11 -4.87 18.30
C LEU B 187 -12.13 -4.03 19.12
N VAL B 188 -12.58 -3.52 20.27
CA VAL B 188 -11.72 -2.71 21.14
C VAL B 188 -10.50 -3.52 21.56
N THR B 189 -10.74 -4.67 22.17
CA THR B 189 -9.65 -5.60 22.51
C THR B 189 -8.78 -6.03 21.32
N THR B 190 -9.41 -6.32 20.17
CA THR B 190 -8.64 -6.67 18.96
C THR B 190 -7.60 -5.56 18.68
N HIS B 191 -8.08 -4.34 18.72
CA HIS B 191 -7.32 -3.14 18.41
C HIS B 191 -6.19 -2.86 19.41
N GLU B 192 -6.48 -2.97 20.71
CA GLU B 192 -5.46 -2.74 21.72
C GLU B 192 -4.34 -3.78 21.63
N LEU B 193 -4.73 -5.04 21.53
CA LEU B 193 -3.81 -6.14 21.24
C LEU B 193 -3.06 -5.97 19.93
N GLY B 194 -3.71 -5.32 18.97
CA GLY B 194 -3.08 -4.95 17.71
C GLY B 194 -1.96 -3.93 17.90
N HIS B 195 -2.21 -2.90 18.72
CA HIS B 195 -1.11 -2.05 19.16
C HIS B 195 0.00 -2.93 19.75
N ASN B 196 -0.33 -3.76 20.74
CA ASN B 196 0.67 -4.61 21.38
C ASN B 196 1.44 -5.46 20.39
N PHE B 197 0.76 -5.91 19.33
CA PHE B 197 1.39 -6.77 18.32
C PHE B 197 2.28 -5.94 17.38
N GLY B 198 2.24 -4.62 17.54
CA GLY B 198 3.08 -3.76 16.72
C GLY B 198 2.40 -2.77 15.79
N ALA B 199 1.07 -2.86 15.63
CA ALA B 199 0.38 -1.96 14.70
C ALA B 199 0.15 -0.58 15.26
N GLU B 200 0.17 0.41 14.37
CA GLU B 200 -0.23 1.76 14.67
C GLU B 200 -1.49 1.98 13.87
N HIS B 201 -2.09 3.15 14.02
CA HIS B 201 -3.36 3.46 13.37
C HIS B 201 -3.27 3.51 11.86
N ASP B 202 -4.33 3.05 11.20
CA ASP B 202 -4.33 2.99 9.74
C ASP B 202 -4.29 4.42 9.17
N PRO B 203 -3.38 4.65 8.19
CA PRO B 203 -3.22 5.99 7.60
C PRO B 203 -4.31 6.30 6.58
N ASP B 204 -4.79 7.54 6.58
CA ASP B 204 -5.76 8.02 5.61
C ASP B 204 -5.10 8.25 4.26
N GLY B 205 -3.80 8.58 4.29
CA GLY B 205 -3.04 8.80 3.07
C GLY B 205 -2.82 7.53 2.26
N LEU B 206 -2.99 6.37 2.91
CA LEU B 206 -2.94 5.09 2.20
C LEU B 206 -4.33 4.45 2.14
N ALA B 207 -5.10 4.90 1.14
CA ALA B 207 -6.52 4.55 0.98
C ALA B 207 -6.88 3.08 1.12
N GLU B 208 -6.00 2.20 0.67
CA GLU B 208 -6.21 0.77 0.78
C GLU B 208 -6.40 0.38 2.25
N CYS B 209 -5.71 1.10 3.13
CA CYS B 209 -5.76 0.85 4.57
C CYS B 209 -6.89 1.63 5.26
N ALA B 210 -7.63 2.44 4.50
CA ALA B 210 -8.76 3.21 5.02
C ALA B 210 -9.90 3.36 4.00
N PRO B 211 -10.50 2.24 3.54
CA PRO B 211 -11.49 2.34 2.45
C PRO B 211 -12.81 2.93 2.89
N ASN B 212 -13.63 3.36 1.92
CA ASN B 212 -14.99 3.84 2.20
C ASN B 212 -16.05 2.71 2.36
N GLU B 213 -17.21 3.09 2.89
CA GLU B 213 -18.39 2.22 3.03
C GLU B 213 -18.49 1.13 1.97
N ASP B 214 -18.67 1.57 0.73
CA ASP B 214 -18.94 0.65 -0.38
C ASP B 214 -17.78 -0.26 -0.73
N GLN B 215 -16.67 -0.12 0.02
CA GLN B 215 -15.50 -0.96 -0.17
C GLN B 215 -15.20 -1.82 1.06
N GLY B 216 -16.18 -1.93 1.95
CA GLY B 216 -16.07 -2.81 3.12
C GLY B 216 -15.71 -2.05 4.39
N GLY B 217 -15.55 -0.74 4.25
CA GLY B 217 -15.30 0.11 5.40
C GLY B 217 -13.88 0.07 5.96
N LYS B 218 -13.71 0.83 7.04
CA LYS B 218 -12.45 0.92 7.76
C LYS B 218 -12.05 -0.40 8.41
N TYR B 219 -10.76 -0.57 8.68
CA TYR B 219 -10.28 -1.77 9.36
C TYR B 219 -10.19 -1.53 10.87
N VAL B 220 -9.88 -2.56 11.64
CA VAL B 220 -9.90 -2.48 13.10
C VAL B 220 -8.94 -1.45 13.72
N MET B 221 -7.80 -1.22 13.05
CA MET B 221 -6.83 -0.25 13.49
C MET B 221 -7.10 1.16 12.94
N TYR B 222 -8.33 1.45 12.60
CA TYR B 222 -8.70 2.83 12.29
C TYR B 222 -8.84 3.68 13.58
N PRO B 223 -8.28 4.92 13.57
CA PRO B 223 -8.35 5.84 14.73
C PRO B 223 -9.75 6.23 15.23
N ILE B 224 -10.74 6.34 14.34
CA ILE B 224 -12.11 6.60 14.78
C ILE B 224 -12.79 5.23 14.93
N ALA B 225 -13.28 4.92 16.13
CA ALA B 225 -13.78 3.57 16.46
C ALA B 225 -14.79 3.03 15.45
N VAL B 226 -14.45 1.91 14.80
CA VAL B 226 -15.35 1.25 13.84
C VAL B 226 -16.62 0.72 14.50
N SER B 227 -17.73 0.69 13.75
CA SER B 227 -19.01 0.20 14.28
C SER B 227 -19.04 -1.31 14.42
N GLY B 228 -18.33 -1.99 13.53
CA GLY B 228 -18.36 -3.44 13.45
C GLY B 228 -19.47 -3.93 12.52
N ASP B 229 -20.17 -2.99 11.89
CA ASP B 229 -21.22 -3.31 10.91
C ASP B 229 -20.69 -3.71 9.54
N HIS B 230 -19.47 -3.29 9.23
CA HIS B 230 -18.91 -3.42 7.89
C HIS B 230 -17.80 -4.45 7.85
N GLU B 231 -17.63 -5.06 6.67
CA GLU B 231 -16.81 -6.23 6.50
C GLU B 231 -15.38 -6.07 6.99
N ASN B 232 -14.77 -4.94 6.67
CA ASN B 232 -13.38 -4.72 7.03
C ASN B 232 -13.15 -4.50 8.51
N ASN B 233 -14.21 -4.12 9.24
CA ASN B 233 -14.10 -3.63 10.62
C ASN B 233 -13.37 -4.52 11.61
N LYS B 234 -13.44 -5.82 11.43
CA LYS B 234 -12.76 -6.70 12.37
C LYS B 234 -11.54 -7.31 11.71
N MET B 235 -11.19 -6.80 10.54
CA MET B 235 -10.00 -7.27 9.87
C MET B 235 -8.86 -6.29 10.13
N PHE B 236 -7.64 -6.80 10.01
CA PHE B 236 -6.46 -5.97 9.88
C PHE B 236 -6.17 -5.63 8.43
N SER B 237 -5.87 -4.35 8.22
CA SER B 237 -5.43 -3.81 6.94
C SER B 237 -4.08 -4.38 6.51
N GLN B 238 -3.70 -4.10 5.27
CA GLN B 238 -2.33 -4.35 4.81
C GLN B 238 -1.27 -3.55 5.58
N CYS B 239 -1.58 -2.30 5.87
CA CYS B 239 -0.70 -1.49 6.72
C CYS B 239 -0.52 -2.12 8.12
N SER B 240 -1.60 -2.63 8.72
CA SER B 240 -1.52 -3.26 10.04
C SER B 240 -0.79 -4.58 9.95
N LYS B 241 -1.11 -5.32 8.89
CA LYS B 241 -0.46 -6.60 8.59
C LYS B 241 1.06 -6.42 8.50
N GLN B 242 1.49 -5.36 7.81
CA GLN B 242 2.93 -5.09 7.60
C GLN B 242 3.70 -4.95 8.92
N SER B 243 3.29 -3.99 9.76
CA SER B 243 3.96 -3.75 11.05
C SER B 243 3.89 -4.96 11.99
N ILE B 244 2.73 -5.60 12.06
CA ILE B 244 2.55 -6.77 12.93
C ILE B 244 3.35 -7.95 12.37
N TYR B 245 3.36 -8.10 11.05
CA TYR B 245 4.19 -9.13 10.42
C TYR B 245 5.66 -8.95 10.84
N LYS B 246 6.16 -7.72 10.75
CA LYS B 246 7.52 -7.40 11.19
C LYS B 246 7.73 -7.74 12.67
N THR B 247 6.80 -7.32 13.53
CA THR B 247 6.97 -7.52 14.98
C THR B 247 7.03 -8.99 15.36
N ILE B 248 6.18 -9.80 14.73
CA ILE B 248 6.08 -11.24 15.01
C ILE B 248 7.30 -11.96 14.49
N GLU B 249 7.63 -11.69 13.23
CA GLU B 249 8.88 -12.13 12.62
C GLU B 249 10.02 -12.20 13.64
N SER B 250 10.23 -11.12 14.38
CA SER B 250 11.35 -11.02 15.33
C SER B 250 11.02 -11.42 16.78
N LYS B 251 9.86 -11.01 17.29
CA LYS B 251 9.52 -11.22 18.70
C LYS B 251 8.88 -12.57 19.02
N ALA B 252 8.41 -13.29 17.99
CA ALA B 252 7.73 -14.57 18.22
C ALA B 252 8.66 -15.56 18.92
N GLN B 253 9.97 -15.35 18.74
CA GLN B 253 11.00 -16.18 19.34
C GLN B 253 11.07 -16.03 20.86
N GLU B 254 10.90 -14.79 21.32
CA GLU B 254 11.24 -14.40 22.69
C GLU B 254 10.21 -14.80 23.72
N CYS B 255 8.93 -14.77 23.34
CA CYS B 255 7.90 -15.02 24.34
C CYS B 255 6.67 -15.83 23.87
N PHE B 256 6.55 -16.06 22.57
CA PHE B 256 5.42 -16.82 22.02
C PHE B 256 5.57 -18.30 22.30
N GLN B 257 4.47 -18.94 22.66
CA GLN B 257 4.51 -20.35 22.99
C GLN B 257 3.58 -21.15 22.10
N GLU B 258 3.33 -22.38 22.54
CA GLU B 258 2.60 -23.36 21.78
C GLU B 258 1.14 -23.33 22.22
N ARG B 259 0.24 -23.40 21.25
CA ARG B 259 -1.20 -23.44 21.50
C ARG B 259 -1.56 -24.59 22.44
N SER B 260 -2.40 -24.32 23.43
CA SER B 260 -3.05 -25.37 24.18
C SER B 260 -4.21 -25.92 23.41
N ASN B 261 -4.38 -27.23 23.42
CA ASN B 261 -5.70 -27.84 23.29
C ASN B 261 -6.03 -27.84 22.01
ZN ZN C . 9.40 -3.20 -28.04
C1 IH6 D . 16.67 0.08 -21.22
C2 IH6 D . 16.05 0.04 -22.54
C3 IH6 D . 15.52 0.09 -23.62
C4 IH6 D . 14.82 0.15 -24.91
O1 IH6 D . 13.39 -0.03 -24.77
C5 IH6 D . 12.81 -1.22 -24.41
C6 IH6 D . 13.57 -2.40 -24.58
C7 IH6 D . 13.07 -3.64 -24.22
C8 IH6 D . 11.78 -3.72 -23.74
C9 IH6 D . 10.99 -2.57 -23.53
C10 IH6 D . 11.51 -1.32 -23.88
S1 IH6 D . 11.11 -5.27 -23.21
O2 IH6 D . 10.09 -4.94 -22.25
O3 IH6 D . 12.30 -5.95 -22.73
N1 IH6 D . 10.44 -6.29 -24.46
C11 IH6 D . 11.39 -6.90 -25.44
C12 IH6 D . 10.87 -8.25 -25.94
S2 IH6 D . 9.23 -8.08 -26.73
C13 IH6 D . 8.29 -7.31 -25.34
C14 IH6 D . 9.01 -6.00 -24.88
C15 IH6 D . 8.98 -4.87 -25.91
O4 IH6 D . 9.65 -4.87 -26.92
N2 IH6 D . 8.10 -3.86 -25.59
O5 IH6 D . 8.03 -2.82 -26.51
C16 IH6 D . 8.14 -8.37 -24.22
C17 IH6 D . 6.87 -6.96 -25.84
ZN ZN E . -5.43 2.77 19.01
C1 IH6 F . -15.63 -0.28 18.70
C2 IH6 F . -14.21 -0.33 18.33
C3 IH6 F . -13.07 -0.40 17.98
C4 IH6 F . -11.67 -0.54 17.51
O1 IH6 F . -10.68 -0.25 18.50
C5 IH6 F . -10.56 0.96 19.14
C6 IH6 F . -10.97 2.11 18.43
C7 IH6 F . -10.87 3.37 19.02
C8 IH6 F . -10.35 3.50 20.32
C9 IH6 F . -9.94 2.37 21.03
C10 IH6 F . -10.04 1.10 20.44
S1 IH6 F . -10.26 5.09 21.09
O2 IH6 F . -10.94 6.06 20.24
O3 IH6 F . -10.94 4.85 22.33
N1 IH6 F . -8.63 5.44 21.63
C11 IH6 F . -8.54 6.17 22.95
C12 IH6 F . -8.00 7.61 22.94
S2 IH6 F . -6.37 7.67 22.17
C13 IH6 F . -6.94 7.19 20.50
C14 IH6 F . -7.31 5.71 20.93
C15 IH6 F . -6.67 4.40 20.48
O4 IH6 F . -6.40 4.09 19.33
N2 IH6 F . -6.40 3.66 21.61
O5 IH6 F . -5.80 2.40 21.45
C16 IH6 F . -8.08 8.13 20.01
C17 IH6 F . -5.72 7.45 19.61
#